data_8R9T
#
_entry.id   8R9T
#
_cell.length_a   43.435
_cell.length_b   48.097
_cell.length_c   53.156
_cell.angle_alpha   90.000
_cell.angle_beta   90.000
_cell.angle_gamma   90.000
#
_symmetry.space_group_name_H-M   'P 21 21 21'
#
loop_
_entity.id
_entity.type
_entity.pdbx_description
1 polymer 'Flagellar associated protein'
2 non-polymer 'CALCIUM ION'
3 water water
#
_entity_poly.entity_id   1
_entity_poly.type   'polypeptide(L)'
_entity_poly.pdbx_seq_one_letter_code
;STKNILYAVMALLGELEDEDLVYVRREIEQRIGGR
;
_entity_poly.pdbx_strand_id   A,B,C,D
#
# COMPACT_ATOMS: atom_id res chain seq x y z
N SER A 1 -9.13 4.75 13.09
CA SER A 1 -8.52 3.43 13.23
C SER A 1 -7.42 3.27 12.18
N THR A 2 -6.55 2.28 12.37
CA THR A 2 -5.54 1.92 11.39
C THR A 2 -6.02 0.85 10.43
N LYS A 3 -7.33 0.60 10.36
CA LYS A 3 -7.84 -0.54 9.61
C LYS A 3 -7.57 -0.43 8.11
N ASN A 4 -7.58 0.79 7.55
CA ASN A 4 -7.28 0.89 6.12
C ASN A 4 -5.84 0.48 5.85
N ILE A 5 -4.92 0.90 6.71
CA ILE A 5 -3.52 0.58 6.52
C ILE A 5 -3.28 -0.90 6.73
N LEU A 6 -3.88 -1.47 7.77
CA LEU A 6 -3.71 -2.90 8.02
C LEU A 6 -4.25 -3.71 6.86
N TYR A 7 -5.41 -3.34 6.34
CA TYR A 7 -5.97 -4.04 5.19
C TYR A 7 -4.99 -4.01 4.02
N ALA A 8 -4.47 -2.82 3.71
CA ALA A 8 -3.56 -2.69 2.58
C ALA A 8 -2.31 -3.55 2.78
N VAL A 9 -1.73 -3.49 3.97
CA VAL A 9 -0.53 -4.28 4.22
C VAL A 9 -0.82 -5.76 4.06
N MET A 10 -1.91 -6.25 4.67
CA MET A 10 -2.25 -7.66 4.58
C MET A 10 -2.48 -8.08 3.14
N ALA A 11 -3.11 -7.21 2.36
CA ALA A 11 -3.34 -7.53 0.95
C ALA A 11 -2.03 -7.63 0.20
N LEU A 12 -1.10 -6.70 0.48
CA LEU A 12 0.13 -6.65 -0.28
C LEU A 12 1.10 -7.75 0.10
N LEU A 13 0.98 -8.33 1.29
CA LEU A 13 1.86 -9.46 1.61
C LEU A 13 1.67 -10.60 0.62
N GLY A 14 0.47 -10.72 0.04
CA GLY A 14 0.21 -11.73 -0.95
C GLY A 14 0.89 -11.49 -2.27
N GLU A 15 1.49 -10.33 -2.47
CA GLU A 15 2.25 -10.04 -3.67
C GLU A 15 3.75 -10.22 -3.45
N LEU A 16 4.15 -10.65 -2.25
CA LEU A 16 5.56 -10.80 -1.92
C LEU A 16 5.93 -12.28 -1.83
N GLU A 17 7.20 -12.55 -2.14
CA GLU A 17 7.71 -13.91 -2.04
C GLU A 17 8.07 -14.23 -0.59
N ASP A 18 8.22 -15.52 -0.31
CA ASP A 18 8.56 -15.95 1.04
C ASP A 18 9.79 -15.21 1.56
N GLU A 19 10.84 -15.11 0.73
CA GLU A 19 12.06 -14.45 1.18
C GLU A 19 11.84 -12.98 1.51
N ASP A 20 10.85 -12.36 0.88
CA ASP A 20 10.61 -10.95 1.16
C ASP A 20 9.99 -10.75 2.54
N LEU A 21 9.23 -11.74 3.01
CA LEU A 21 8.57 -11.61 4.31
C LEU A 21 9.56 -11.55 5.46
N VAL A 22 10.77 -12.08 5.29
CA VAL A 22 11.77 -12.04 6.34
C VAL A 22 12.07 -10.59 6.73
N TYR A 23 12.11 -9.69 5.74
CA TYR A 23 12.40 -8.29 6.04
C TYR A 23 11.26 -7.64 6.80
N VAL A 24 10.02 -7.96 6.43
CA VAL A 24 8.88 -7.45 7.18
C VAL A 24 8.94 -7.95 8.62
N ARG A 25 9.27 -9.22 8.80
CA ARG A 25 9.37 -9.78 10.15
C ARG A 25 10.42 -9.03 10.97
N ARG A 26 11.57 -8.73 10.37
CA ARG A 26 12.62 -7.99 11.07
C ARG A 26 12.10 -6.64 11.56
N GLU A 27 11.38 -5.91 10.71
CA GLU A 27 10.84 -4.62 11.12
C GLU A 27 9.84 -4.76 12.25
N ILE A 28 9.05 -5.84 12.25
CA ILE A 28 8.13 -6.09 13.36
C ILE A 28 8.92 -6.36 14.64
N GLU A 29 9.93 -7.22 14.55
CA GLU A 29 10.73 -7.55 15.73
C GLU A 29 11.46 -6.33 16.27
N GLN A 30 11.90 -5.44 15.39
CA GLN A 30 12.55 -4.22 15.85
C GLN A 30 11.64 -3.44 16.79
N ARG A 31 10.33 -3.49 16.57
CA ARG A 31 9.40 -2.69 17.34
C ARG A 31 8.82 -3.41 18.55
N ILE A 32 8.46 -4.68 18.43
CA ILE A 32 7.78 -5.39 19.50
C ILE A 32 8.57 -6.56 20.05
N GLY A 33 9.77 -6.80 19.56
CA GLY A 33 10.58 -7.90 20.05
C GLY A 33 10.36 -9.20 19.30
N SER B 1 6.71 -5.69 -9.31
CA SER B 1 8.04 -5.68 -8.70
C SER B 1 7.97 -5.97 -7.20
N THR B 2 8.61 -7.07 -6.77
CA THR B 2 8.62 -7.34 -5.33
C THR B 2 9.47 -6.33 -4.56
N LYS B 3 10.52 -5.79 -5.16
CA LYS B 3 11.29 -4.74 -4.50
C LYS B 3 10.43 -3.51 -4.27
N ASN B 4 9.67 -3.10 -5.29
CA ASN B 4 8.81 -1.93 -5.17
C ASN B 4 7.71 -2.17 -4.15
N ILE B 5 7.07 -3.34 -4.20
CA ILE B 5 5.99 -3.61 -3.25
C ILE B 5 6.52 -3.69 -1.83
N LEU B 6 7.69 -4.31 -1.66
CA LEU B 6 8.28 -4.41 -0.32
C LEU B 6 8.54 -3.03 0.25
N TYR B 7 9.04 -2.11 -0.58
CA TYR B 7 9.28 -0.74 -0.14
C TYR B 7 7.99 -0.07 0.30
N ALA B 8 6.91 -0.27 -0.45
CA ALA B 8 5.62 0.28 -0.05
C ALA B 8 5.14 -0.33 1.25
N VAL B 9 5.27 -1.64 1.39
CA VAL B 9 4.86 -2.30 2.63
C VAL B 9 5.63 -1.75 3.81
N MET B 10 6.94 -1.59 3.66
CA MET B 10 7.77 -1.05 4.74
C MET B 10 7.30 0.33 5.16
N ALA B 11 7.01 1.20 4.19
CA ALA B 11 6.51 2.53 4.52
C ALA B 11 5.21 2.45 5.30
N LEU B 12 4.32 1.56 4.89
CA LEU B 12 3.03 1.45 5.53
C LEU B 12 3.14 0.83 6.92
N LEU B 13 4.08 -0.09 7.12
CA LEU B 13 4.23 -0.73 8.43
C LEU B 13 4.44 0.31 9.51
N GLY B 14 5.15 1.39 9.20
CA GLY B 14 5.39 2.42 10.18
C GLY B 14 4.16 3.23 10.57
N GLU B 15 3.09 3.10 9.81
CA GLU B 15 1.84 3.76 10.16
C GLU B 15 0.92 2.86 10.96
N LEU B 16 1.31 1.60 11.16
CA LEU B 16 0.50 0.67 11.92
C LEU B 16 0.83 0.76 13.40
N GLU B 17 -0.18 0.47 14.22
CA GLU B 17 0.03 0.39 15.66
C GLU B 17 0.58 -0.99 16.03
N ASP B 18 1.14 -1.07 17.24
CA ASP B 18 1.70 -2.33 17.70
C ASP B 18 0.68 -3.46 17.60
N GLU B 19 -0.59 -3.18 17.92
CA GLU B 19 -1.58 -4.24 17.88
C GLU B 19 -1.79 -4.79 16.48
N ASP B 20 -1.60 -3.95 15.47
CA ASP B 20 -1.76 -4.38 14.09
C ASP B 20 -0.65 -5.32 13.66
N LEU B 21 0.55 -5.12 14.22
CA LEU B 21 1.68 -5.94 13.83
C LEU B 21 1.47 -7.41 14.19
N VAL B 22 0.67 -7.67 15.22
CA VAL B 22 0.33 -9.05 15.59
C VAL B 22 -0.26 -9.79 14.39
N TYR B 23 -1.17 -9.13 13.68
CA TYR B 23 -1.85 -9.78 12.57
C TYR B 23 -0.92 -9.94 11.38
N VAL B 24 -0.06 -8.95 11.14
CA VAL B 24 0.94 -9.08 10.08
C VAL B 24 1.88 -10.24 10.40
N ARG B 25 2.35 -10.29 11.64
CA ARG B 25 3.26 -11.36 12.05
C ARG B 25 2.60 -12.72 11.89
N ARG B 26 1.32 -12.82 12.22
CA ARG B 26 0.63 -14.09 12.09
C ARG B 26 0.57 -14.54 10.64
N GLU B 27 0.29 -13.59 9.73
CA GLU B 27 0.24 -13.95 8.32
C GLU B 27 1.60 -14.44 7.83
N ILE B 28 2.67 -13.78 8.27
CA ILE B 28 4.02 -14.21 7.92
C ILE B 28 4.32 -15.60 8.48
N GLU B 29 4.01 -15.82 9.74
CA GLU B 29 4.31 -17.11 10.37
C GLU B 29 3.56 -18.25 9.67
N GLN B 30 2.36 -18.00 9.17
CA GLN B 30 1.62 -19.03 8.47
C GLN B 30 2.24 -19.35 7.12
N ARG B 31 3.05 -18.44 6.58
CA ARG B 31 3.71 -18.68 5.30
C ARG B 31 5.12 -19.22 5.45
N ILE B 32 5.90 -18.73 6.41
CA ILE B 32 7.30 -19.14 6.49
C ILE B 32 7.70 -19.57 7.89
N GLY B 33 6.73 -19.75 8.78
CA GLY B 33 7.02 -20.06 10.16
C GLY B 33 7.94 -19.03 10.81
N SER C 1 3.75 9.41 8.97
CA SER C 1 2.93 10.58 8.66
C SER C 1 2.03 10.29 7.46
N THR C 2 1.04 11.16 7.22
CA THR C 2 0.26 11.06 5.99
C THR C 2 1.17 11.05 4.75
N LYS C 3 2.28 11.79 4.80
CA LYS C 3 3.22 11.82 3.69
C LYS C 3 3.74 10.41 3.36
N ASN C 4 4.09 9.63 4.37
CA ASN C 4 4.56 8.27 4.15
C ASN C 4 3.51 7.45 3.41
N ILE C 5 2.24 7.65 3.74
CA ILE C 5 1.17 6.94 3.04
C ILE C 5 1.10 7.38 1.59
N LEU C 6 1.19 8.70 1.36
CA LEU C 6 1.16 9.22 0.00
C LEU C 6 2.27 8.59 -0.84
N TYR C 7 3.47 8.48 -0.28
CA TYR C 7 4.57 7.92 -1.08
C TYR C 7 4.37 6.43 -1.34
N ALA C 8 3.75 5.71 -0.41
CA ALA C 8 3.43 4.31 -0.66
C ALA C 8 2.42 4.17 -1.78
N VAL C 9 1.40 5.03 -1.79
CA VAL C 9 0.41 5.02 -2.85
C VAL C 9 1.08 5.27 -4.20
N MET C 10 1.92 6.30 -4.26
CA MET C 10 2.60 6.62 -5.51
C MET C 10 3.42 5.44 -6.02
N ALA C 11 4.12 4.75 -5.13
CA ALA C 11 4.88 3.59 -5.55
C ALA C 11 3.95 2.51 -6.11
N LEU C 12 2.84 2.25 -5.44
CA LEU C 12 1.94 1.20 -5.87
C LEU C 12 1.27 1.52 -7.22
N LEU C 13 1.10 2.80 -7.55
CA LEU C 13 0.53 3.11 -8.86
C LEU C 13 1.36 2.48 -9.97
N GLY C 14 2.65 2.30 -9.75
CA GLY C 14 3.51 1.71 -10.76
C GLY C 14 3.27 0.23 -10.98
N GLU C 15 2.49 -0.40 -10.11
CA GLU C 15 2.16 -1.80 -10.25
C GLU C 15 0.85 -2.02 -11.00
N LEU C 16 0.06 -0.97 -11.21
CA LEU C 16 -1.27 -1.12 -11.75
C LEU C 16 -1.29 -1.03 -13.27
N GLU C 17 -2.19 -1.81 -13.87
CA GLU C 17 -2.44 -1.67 -15.29
C GLU C 17 -3.18 -0.37 -15.58
N ASP C 18 -3.10 0.08 -16.84
CA ASP C 18 -3.70 1.35 -17.20
C ASP C 18 -5.17 1.40 -16.80
N GLU C 19 -5.89 0.29 -16.99
CA GLU C 19 -7.32 0.26 -16.71
C GLU C 19 -7.61 0.44 -15.22
N ASP C 20 -6.73 -0.06 -14.35
CA ASP C 20 -6.90 0.18 -12.92
C ASP C 20 -6.54 1.61 -12.53
N LEU C 21 -5.59 2.23 -13.23
CA LEU C 21 -5.30 3.63 -12.97
C LEU C 21 -6.50 4.51 -13.31
N VAL C 22 -7.26 4.14 -14.36
CA VAL C 22 -8.47 4.88 -14.70
C VAL C 22 -9.46 4.83 -13.53
N TYR C 23 -9.59 3.66 -12.90
CA TYR C 23 -10.48 3.53 -11.75
C TYR C 23 -10.06 4.46 -10.62
N VAL C 24 -8.77 4.49 -10.32
CA VAL C 24 -8.27 5.40 -9.28
C VAL C 24 -8.54 6.84 -9.67
N ARG C 25 -8.24 7.19 -10.93
CA ARG C 25 -8.47 8.56 -11.40
C ARG C 25 -9.93 8.96 -11.21
N ARG C 26 -10.86 8.04 -11.52
CA ARG C 26 -12.28 8.35 -11.39
C ARG C 26 -12.66 8.58 -9.93
N GLU C 27 -12.16 7.75 -9.00
CA GLU C 27 -12.49 7.95 -7.60
C GLU C 27 -11.97 9.30 -7.12
N ILE C 28 -10.73 9.64 -7.50
CA ILE C 28 -10.18 10.94 -7.10
C ILE C 28 -11.06 12.06 -7.63
N GLU C 29 -11.50 11.96 -8.88
CA GLU C 29 -12.31 13.02 -9.47
C GLU C 29 -13.61 13.22 -8.70
N GLN C 30 -14.22 12.13 -8.24
CA GLN C 30 -15.46 12.25 -7.49
C GLN C 30 -15.24 12.78 -6.08
N ARG C 31 -14.01 12.77 -5.60
CA ARG C 31 -13.76 13.35 -4.28
C ARG C 31 -13.37 14.81 -4.35
N ILE C 32 -12.54 15.19 -5.32
CA ILE C 32 -12.05 16.55 -5.40
C ILE C 32 -12.55 17.29 -6.63
N SER D 1 -1.62 -9.97 -8.03
CA SER D 1 -2.85 -9.58 -8.71
C SER D 1 -2.97 -8.08 -8.81
N THR D 2 -3.23 -7.56 -10.01
CA THR D 2 -3.40 -6.11 -10.14
C THR D 2 -4.66 -5.63 -9.42
N LYS D 3 -5.75 -6.39 -9.49
CA LYS D 3 -6.95 -5.98 -8.74
C LYS D 3 -6.72 -6.03 -7.24
N ASN D 4 -5.95 -7.00 -6.75
CA ASN D 4 -5.59 -7.03 -5.34
C ASN D 4 -4.90 -5.74 -4.92
N ILE D 5 -3.91 -5.30 -5.71
CA ILE D 5 -3.22 -4.05 -5.41
C ILE D 5 -4.15 -2.86 -5.55
N LEU D 6 -5.02 -2.87 -6.57
CA LEU D 6 -5.96 -1.77 -6.75
C LEU D 6 -6.77 -1.53 -5.49
N TYR D 7 -7.34 -2.59 -4.91
CA TYR D 7 -8.19 -2.42 -3.74
C TYR D 7 -7.37 -2.03 -2.51
N ALA D 8 -6.12 -2.46 -2.44
CA ALA D 8 -5.23 -1.92 -1.41
C ALA D 8 -5.06 -0.42 -1.56
N VAL D 9 -4.82 0.04 -2.78
CA VAL D 9 -4.66 1.48 -3.04
C VAL D 9 -5.95 2.22 -2.70
N MET D 10 -7.10 1.65 -3.07
CA MET D 10 -8.37 2.32 -2.78
C MET D 10 -8.56 2.54 -1.29
N ALA D 11 -8.23 1.53 -0.48
CA ALA D 11 -8.30 1.68 0.97
C ALA D 11 -7.38 2.80 1.44
N LEU D 12 -6.18 2.88 0.87
CA LEU D 12 -5.24 3.90 1.33
C LEU D 12 -5.69 5.30 0.94
N LEU D 13 -6.43 5.45 -0.16
CA LEU D 13 -6.91 6.78 -0.53
C LEU D 13 -7.80 7.39 0.55
N GLY D 14 -8.47 6.55 1.34
CA GLY D 14 -9.26 7.03 2.46
C GLY D 14 -8.45 7.59 3.61
N GLU D 15 -7.14 7.40 3.59
CA GLU D 15 -6.25 7.99 4.58
C GLU D 15 -5.68 9.33 4.13
N LEU D 16 -5.99 9.74 2.90
CA LEU D 16 -5.43 10.96 2.33
C LEU D 16 -6.50 12.05 2.28
N GLU D 17 -6.05 13.29 2.47
CA GLU D 17 -6.93 14.43 2.32
C GLU D 17 -7.00 14.86 0.86
N ASP D 18 -8.01 15.67 0.55
CA ASP D 18 -8.18 16.15 -0.81
C ASP D 18 -6.89 16.77 -1.34
N GLU D 19 -6.19 17.53 -0.50
CA GLU D 19 -4.93 18.16 -0.88
C GLU D 19 -3.93 17.13 -1.37
N ASP D 20 -3.86 15.97 -0.70
CA ASP D 20 -2.90 14.94 -1.08
C ASP D 20 -3.30 14.28 -2.37
N LEU D 21 -4.61 14.13 -2.60
CA LEU D 21 -5.08 13.48 -3.81
C LEU D 21 -4.67 14.24 -5.06
N VAL D 22 -4.40 15.54 -4.95
CA VAL D 22 -3.92 16.29 -6.11
C VAL D 22 -2.61 15.71 -6.61
N TYR D 23 -1.72 15.33 -5.70
CA TYR D 23 -0.45 14.75 -6.14
C TYR D 23 -0.66 13.38 -6.75
N VAL D 24 -1.60 12.61 -6.19
CA VAL D 24 -1.89 11.31 -6.80
C VAL D 24 -2.42 11.50 -8.21
N ARG D 25 -3.33 12.45 -8.38
CA ARG D 25 -3.88 12.71 -9.72
C ARG D 25 -2.79 13.11 -10.69
N ARG D 26 -1.87 13.97 -10.25
CA ARG D 26 -0.78 14.39 -11.14
C ARG D 26 0.10 13.21 -11.52
N GLU D 27 0.34 12.30 -10.57
CA GLU D 27 1.13 11.11 -10.89
C GLU D 27 0.42 10.27 -11.93
N ILE D 28 -0.90 10.13 -11.79
CA ILE D 28 -1.67 9.33 -12.74
C ILE D 28 -1.60 9.96 -14.12
N GLU D 29 -1.64 11.29 -14.21
CA GLU D 29 -1.52 11.96 -15.50
C GLU D 29 -0.17 11.66 -16.16
N GLN D 30 0.89 11.53 -15.36
CA GLN D 30 2.18 11.16 -15.93
C GLN D 30 2.11 9.79 -16.59
N ARG D 31 1.25 8.90 -16.07
CA ARG D 31 1.24 7.51 -16.51
C ARG D 31 0.21 7.25 -17.60
N ILE D 32 -0.99 7.83 -17.50
CA ILE D 32 -2.05 7.56 -18.47
C ILE D 32 -2.70 8.86 -18.93
N GLY D 33 -1.98 9.96 -18.86
CA GLY D 33 -2.50 11.21 -19.39
C GLY D 33 -2.92 11.05 -20.84
N GLY D 34 -4.11 11.54 -21.18
CA GLY D 34 -4.63 11.41 -22.52
C GLY D 34 -5.18 10.04 -22.86
N ARG D 35 -5.25 9.12 -21.91
CA ARG D 35 -5.72 7.76 -22.16
C ARG D 35 -6.74 7.37 -21.10
#